data_9ATC
#
_entry.id   9ATC
#
_cell.length_a   100.600
_cell.length_b   100.600
_cell.length_c   100.600
_cell.angle_alpha   81.40
_cell.angle_beta   81.40
_cell.angle_gamma   81.40
#
_symmetry.space_group_name_H-M   'R 3 2'
#
loop_
_entity.id
_entity.type
_entity.pdbx_description
1 polymer 'ASPARTATE TRANSCARBAMOYLASE'
2 polymer 'ASPARTATE TRANSCARBAMOYLASE'
3 non-polymer 'ZINC ION'
#
loop_
_entity_poly.entity_id
_entity_poly.type
_entity_poly.pdbx_seq_one_letter_code
_entity_poly.pdbx_strand_id
1 'polypeptide(L)'
;ANPLYQKHIISINDLSRDDLNLVLATAAKLKANPQPELLKHKVIASCFFEASTRTRLSFETSMHRLGASVVGFSDSANTS
LGKKGETLADTISVISTYVDAIVMRHPQEGAARLATEFSGNVPVLNAGDGSNQHPTQTLLDLFTIQETQGRLDNLHVAMV
GDLKFGRTVHSLTQALAKFDGNRFYFIAPDALAMPQYILDMLDEKGIAWSLHSSIEEVMAEVDILYMTRVQKERLDPSEY
ANVKAQFVLRASDLHNAKANMKVLHPLPRVDEIATDVDKTPHAWYFQQAGNGIFARQALLALVLNRDLVL
;
A
2 'polypeptide(L)'
;QVEAIKRGTVIDHIPAQIGFKLLSLFKLTETDQRITIGLNLPSGEMGRKDLIKIENTFLSEDQVDQLALYAPQATVNRID
NYEVVGKSRPSLPERIDNVLVCPNSNCISHAEPVSSSFAVRKRANDIALKCKYCEKEFSHNVVLAN
;
B
#
loop_
_chem_comp.id
_chem_comp.type
_chem_comp.name
_chem_comp.formula
ZN non-polymer 'ZINC ION' 'Zn 2'
#
# COMPACT_ATOMS: atom_id res chain seq x y z
N ALA A 1 -3.71 21.66 16.70
CA ALA A 1 -3.40 20.47 15.94
C ALA A 1 -3.86 20.37 14.48
N ASN A 2 -2.87 20.07 13.65
CA ASN A 2 -3.10 19.79 12.25
C ASN A 2 -3.72 18.39 12.12
N PRO A 3 -4.55 18.06 11.13
CA PRO A 3 -4.96 16.68 10.86
C PRO A 3 -3.85 15.70 10.48
N LEU A 4 -2.66 16.19 10.13
CA LEU A 4 -1.56 15.32 9.75
C LEU A 4 -0.38 15.37 10.74
N TYR A 5 -0.43 16.18 11.81
CA TYR A 5 0.66 16.29 12.77
C TYR A 5 0.89 14.93 13.42
N GLN A 6 2.18 14.57 13.36
CA GLN A 6 2.78 13.31 13.78
C GLN A 6 2.40 12.11 12.91
N LYS A 7 1.62 12.27 11.85
CA LYS A 7 1.19 11.15 11.04
C LYS A 7 2.32 10.63 10.18
N HIS A 8 2.32 9.32 10.01
CA HIS A 8 3.28 8.72 9.11
C HIS A 8 2.47 8.64 7.84
N ILE A 9 2.99 9.22 6.78
CA ILE A 9 2.35 9.17 5.49
C ILE A 9 2.97 8.01 4.73
N ILE A 10 2.32 6.85 4.77
CA ILE A 10 2.84 5.69 4.07
C ILE A 10 2.05 5.35 2.80
N SER A 11 0.72 5.31 2.75
CA SER A 11 0.06 4.97 1.49
C SER A 11 -0.81 6.12 1.01
N ILE A 12 -1.23 5.99 -0.23
CA ILE A 12 -2.15 6.93 -0.81
C ILE A 12 -3.55 6.49 -0.39
N ASN A 13 -3.86 5.21 -0.18
CA ASN A 13 -5.20 4.89 0.29
C ASN A 13 -5.28 4.84 1.82
N ASP A 14 -4.25 5.39 2.44
CA ASP A 14 -4.13 5.62 3.86
C ASP A 14 -4.70 7.00 4.16
N LEU A 15 -4.70 7.83 3.15
CA LEU A 15 -5.18 9.18 3.18
C LEU A 15 -6.64 9.22 2.72
N SER A 16 -7.27 10.32 3.08
CA SER A 16 -8.63 10.57 2.66
C SER A 16 -8.63 11.78 1.76
N ARG A 17 -9.67 11.91 0.93
CA ARG A 17 -9.83 13.05 0.05
C ARG A 17 -9.60 14.40 0.72
N ASP A 18 -10.16 14.59 1.93
CA ASP A 18 -10.02 15.85 2.63
C ASP A 18 -8.59 16.20 3.03
N ASP A 19 -7.68 15.26 3.34
CA ASP A 19 -6.31 15.67 3.64
C ASP A 19 -5.42 15.63 2.41
N LEU A 20 -5.87 14.93 1.38
CA LEU A 20 -5.24 15.02 0.07
C LEU A 20 -5.50 16.45 -0.37
N ASN A 21 -6.71 16.93 -0.09
CA ASN A 21 -7.08 18.32 -0.36
C ASN A 21 -6.27 19.21 0.57
N LEU A 22 -5.92 18.83 1.81
CA LEU A 22 -5.10 19.69 2.65
C LEU A 22 -3.65 19.63 2.21
N VAL A 23 -3.20 18.55 1.56
CA VAL A 23 -1.82 18.54 1.12
C VAL A 23 -1.68 19.49 -0.08
N LEU A 24 -2.57 19.33 -1.06
CA LEU A 24 -2.56 20.15 -2.26
C LEU A 24 -2.71 21.64 -2.04
N ALA A 25 -3.73 22.05 -1.31
CA ALA A 25 -3.92 23.46 -1.00
C ALA A 25 -2.73 24.09 -0.29
N THR A 26 -2.07 23.38 0.60
CA THR A 26 -0.86 23.86 1.26
C THR A 26 0.31 24.04 0.29
N ALA A 27 0.46 23.11 -0.66
CA ALA A 27 1.53 23.20 -1.63
C ALA A 27 1.44 24.43 -2.53
N ALA A 28 0.21 24.66 -2.96
CA ALA A 28 -0.10 25.82 -3.77
C ALA A 28 0.36 27.07 -3.03
N LYS A 29 0.12 27.05 -1.71
CA LYS A 29 0.47 28.11 -0.80
C LYS A 29 1.97 28.32 -0.60
N LEU A 30 2.76 27.33 -0.15
CA LEU A 30 4.20 27.47 0.07
C LEU A 30 4.93 27.85 -1.20
N LYS A 31 4.34 27.49 -2.34
CA LYS A 31 4.86 27.85 -3.64
C LYS A 31 4.72 29.34 -3.87
N ALA A 32 3.63 29.87 -3.35
CA ALA A 32 3.31 31.26 -3.47
C ALA A 32 4.22 32.13 -2.62
N ASN A 33 4.18 31.89 -1.32
CA ASN A 33 4.99 32.62 -0.39
C ASN A 33 5.82 31.65 0.44
N PRO A 34 7.07 31.39 0.06
CA PRO A 34 7.98 30.46 0.73
C PRO A 34 8.19 30.68 2.23
N GLN A 35 8.45 29.64 3.06
CA GLN A 35 8.64 29.85 4.50
C GLN A 35 10.02 29.42 5.01
N PRO A 36 11.12 30.07 4.58
CA PRO A 36 12.48 29.54 4.60
C PRO A 36 13.09 28.96 5.87
N GLU A 37 12.58 29.41 7.01
CA GLU A 37 13.09 29.00 8.31
C GLU A 37 11.93 28.45 9.15
N LEU A 38 10.99 27.76 8.52
CA LEU A 38 9.84 27.18 9.17
C LEU A 38 10.29 26.00 10.00
N LEU A 39 10.91 25.03 9.33
CA LEU A 39 11.50 23.91 10.02
C LEU A 39 12.91 24.23 10.52
N LYS A 40 13.26 25.50 10.82
CA LYS A 40 14.59 25.84 11.33
C LYS A 40 14.82 25.05 12.62
N HIS A 41 16.05 24.57 12.74
CA HIS A 41 16.52 23.67 13.81
C HIS A 41 16.04 22.21 13.75
N LYS A 42 15.12 21.76 12.90
CA LYS A 42 14.77 20.33 12.86
C LYS A 42 15.78 19.56 12.06
N VAL A 43 16.08 18.33 12.48
CA VAL A 43 17.02 17.45 11.80
C VAL A 43 16.27 16.27 11.21
N ILE A 44 16.43 16.06 9.91
CA ILE A 44 15.70 15.04 9.20
C ILE A 44 16.65 14.04 8.57
N ALA A 45 16.29 12.76 8.62
CA ALA A 45 17.08 11.68 8.03
C ALA A 45 16.72 11.27 6.62
N SER A 46 17.65 11.25 5.69
CA SER A 46 17.36 10.82 4.33
C SER A 46 17.94 9.42 4.29
N CYS A 47 17.13 8.44 4.63
CA CYS A 47 17.49 7.05 4.60
C CYS A 47 17.18 6.39 3.26
N PHE A 48 18.03 6.45 2.25
CA PHE A 48 17.75 5.74 1.02
C PHE A 48 18.49 4.42 0.99
N PHE A 49 17.94 3.44 1.71
CA PHE A 49 18.46 2.08 1.72
C PHE A 49 18.57 1.50 0.33
N GLU A 50 17.75 2.06 -0.56
CA GLU A 50 17.78 1.80 -1.97
C GLU A 50 18.13 3.15 -2.58
N ALA A 51 19.27 3.26 -3.26
CA ALA A 51 19.56 4.47 -3.97
C ALA A 51 18.50 4.76 -5.03
N SER A 52 18.37 6.05 -5.26
CA SER A 52 17.45 6.63 -6.22
C SER A 52 17.86 8.07 -6.04
N THR A 53 18.60 8.74 -6.93
CA THR A 53 18.94 10.10 -6.61
C THR A 53 17.95 11.15 -7.06
N ARG A 54 17.07 10.86 -8.01
CA ARG A 54 16.10 11.85 -8.41
C ARG A 54 15.09 12.00 -7.29
N THR A 55 14.73 11.00 -6.48
CA THR A 55 13.77 11.20 -5.40
C THR A 55 14.47 11.86 -4.23
N ARG A 56 15.77 11.54 -4.09
CA ARG A 56 16.57 12.03 -3.01
C ARG A 56 16.89 13.49 -3.16
N LEU A 57 17.43 13.98 -4.27
CA LEU A 57 17.70 15.39 -4.48
C LEU A 57 16.47 16.27 -4.34
N SER A 58 15.29 15.74 -4.69
CA SER A 58 14.02 16.42 -4.54
C SER A 58 13.65 16.55 -3.06
N PHE A 59 13.59 15.42 -2.36
CA PHE A 59 13.30 15.41 -0.96
C PHE A 59 14.24 16.29 -0.17
N GLU A 60 15.54 16.16 -0.42
CA GLU A 60 16.52 16.91 0.31
C GLU A 60 16.53 18.40 0.03
N THR A 61 16.11 18.85 -1.13
CA THR A 61 16.02 20.28 -1.34
C THR A 61 14.81 20.78 -0.57
N SER A 62 13.72 20.02 -0.60
CA SER A 62 12.51 20.32 0.12
C SER A 62 12.66 20.49 1.61
N MET A 63 13.58 19.77 2.23
CA MET A 63 13.83 19.92 3.64
C MET A 63 14.52 21.27 3.87
N HIS A 64 15.52 21.50 3.03
CA HIS A 64 16.32 22.70 3.04
C HIS A 64 15.61 23.98 2.72
N ARG A 65 14.63 24.00 1.79
CA ARG A 65 13.86 25.22 1.49
C ARG A 65 12.98 25.68 2.65
N LEU A 66 12.85 24.83 3.66
CA LEU A 66 12.14 25.11 4.89
C LEU A 66 13.14 25.25 6.04
N GLY A 67 14.44 25.34 5.73
CA GLY A 67 15.46 25.58 6.73
C GLY A 67 15.92 24.38 7.55
N ALA A 68 15.46 23.16 7.26
CA ALA A 68 15.88 22.00 8.04
C ALA A 68 17.25 21.44 7.69
N SER A 69 17.80 20.72 8.63
CA SER A 69 19.10 20.12 8.40
C SER A 69 18.86 18.67 8.05
N VAL A 70 19.81 18.13 7.28
CA VAL A 70 19.74 16.77 6.76
C VAL A 70 20.97 15.93 7.08
N VAL A 71 20.76 14.75 7.64
CA VAL A 71 21.81 13.75 7.75
C VAL A 71 21.30 12.51 6.99
N GLY A 72 22.10 11.59 6.44
CA GLY A 72 21.50 10.46 5.75
C GLY A 72 22.44 9.55 4.99
N PHE A 73 21.91 8.83 4.02
CA PHE A 73 22.70 7.93 3.24
C PHE A 73 22.04 7.36 2.01
N SER A 74 22.87 7.14 0.98
CA SER A 74 22.50 6.39 -0.19
C SER A 74 23.30 5.11 0.06
N ASP A 75 22.63 4.01 0.27
CA ASP A 75 23.33 2.77 0.46
C ASP A 75 23.34 2.05 -0.87
N SER A 76 24.46 1.41 -1.05
CA SER A 76 24.61 0.54 -2.19
C SER A 76 25.47 -0.55 -1.53
N ALA A 77 24.76 -1.54 -0.97
CA ALA A 77 25.30 -2.67 -0.19
C ALA A 77 26.56 -2.44 0.67
N ASN A 78 26.75 -1.24 1.23
CA ASN A 78 27.98 -1.01 1.97
C ASN A 78 27.81 -0.30 3.31
N THR A 79 26.63 0.30 3.54
CA THR A 79 26.33 1.01 4.79
C THR A 79 26.36 0.00 5.93
N SER A 80 27.21 0.24 6.94
CA SER A 80 27.29 -0.68 8.05
C SER A 80 25.94 -0.96 8.67
N LEU A 81 25.13 0.07 8.94
CA LEU A 81 23.82 -0.20 9.51
C LEU A 81 22.78 -0.67 8.53
N GLY A 82 21.92 -1.43 9.21
CA GLY A 82 20.80 -2.12 8.62
C GLY A 82 21.27 -2.99 7.49
N LYS A 83 22.38 -3.69 7.78
CA LYS A 83 23.05 -4.50 6.79
C LYS A 83 23.60 -5.83 7.31
N LYS A 84 24.74 -5.86 8.02
CA LYS A 84 25.40 -7.09 8.48
C LYS A 84 24.57 -8.23 9.07
N GLY A 85 23.54 -7.79 9.77
CA GLY A 85 22.59 -8.64 10.44
C GLY A 85 21.61 -7.79 11.23
N GLU A 86 21.97 -6.50 11.43
CA GLU A 86 21.09 -5.60 12.15
C GLU A 86 19.81 -5.37 11.37
N THR A 87 18.76 -5.88 12.00
CA THR A 87 17.39 -5.78 11.54
C THR A 87 17.00 -4.36 11.14
N LEU A 88 16.20 -4.13 10.08
CA LEU A 88 15.74 -2.78 9.79
C LEU A 88 14.93 -2.24 10.98
N ALA A 89 14.25 -3.09 11.77
CA ALA A 89 13.59 -2.61 12.97
C ALA A 89 14.57 -1.94 13.93
N ASP A 90 15.63 -2.63 14.34
CA ASP A 90 16.67 -2.06 15.18
C ASP A 90 17.51 -0.92 14.61
N THR A 91 17.48 -0.64 13.32
CA THR A 91 18.14 0.52 12.73
C THR A 91 17.25 1.71 13.00
N ILE A 92 15.96 1.59 12.70
CA ILE A 92 15.00 2.65 12.98
C ILE A 92 14.96 2.98 14.47
N SER A 93 15.01 1.97 15.32
CA SER A 93 15.07 2.21 16.75
C SER A 93 16.24 3.09 17.17
N VAL A 94 17.39 3.18 16.48
CA VAL A 94 18.42 4.10 16.93
C VAL A 94 18.39 5.38 16.12
N ILE A 95 17.93 5.38 14.86
CA ILE A 95 17.80 6.63 14.10
C ILE A 95 16.73 7.47 14.78
N SER A 96 15.60 6.87 15.15
CA SER A 96 14.50 7.55 15.82
C SER A 96 14.81 8.35 17.06
N THR A 97 16.02 8.26 17.55
CA THR A 97 16.36 8.99 18.75
C THR A 97 17.08 10.32 18.43
N TYR A 98 17.70 10.50 17.27
CA TYR A 98 18.39 11.74 17.00
C TYR A 98 17.87 12.61 15.90
N VAL A 99 16.88 12.11 15.18
CA VAL A 99 16.30 12.91 14.12
C VAL A 99 14.90 13.36 14.52
N ASP A 100 14.19 14.12 13.70
CA ASP A 100 12.83 14.53 14.00
C ASP A 100 11.79 14.00 13.02
N ALA A 101 12.27 13.57 11.87
CA ALA A 101 11.46 12.93 10.84
C ALA A 101 12.32 12.05 9.96
N ILE A 102 11.93 10.79 9.75
CA ILE A 102 12.66 9.90 8.85
C ILE A 102 12.10 9.98 7.43
N VAL A 103 12.93 10.02 6.38
CA VAL A 103 12.46 9.89 5.00
C VAL A 103 13.06 8.56 4.56
N MET A 104 12.34 7.72 3.85
CA MET A 104 12.86 6.38 3.70
C MET A 104 12.55 5.66 2.41
N ARG A 105 13.52 5.22 1.62
CA ARG A 105 13.18 4.35 0.51
C ARG A 105 13.86 3.01 0.78
N HIS A 106 13.34 1.84 0.40
CA HIS A 106 13.92 0.54 0.71
C HIS A 106 13.56 -0.47 -0.40
N PRO A 107 14.23 -1.62 -0.63
CA PRO A 107 13.83 -2.58 -1.64
C PRO A 107 12.64 -3.45 -1.30
N GLN A 108 12.44 -3.80 -0.02
CA GLN A 108 11.33 -4.69 0.34
C GLN A 108 10.08 -3.91 0.69
N GLU A 109 8.92 -4.53 0.54
CA GLU A 109 7.66 -3.85 0.75
C GLU A 109 7.21 -3.78 2.19
N GLY A 110 6.52 -2.71 2.58
CA GLY A 110 6.11 -2.52 3.96
C GLY A 110 7.26 -2.19 4.89
N ALA A 111 8.32 -1.67 4.30
CA ALA A 111 9.47 -1.33 5.09
C ALA A 111 9.23 -0.10 5.93
N ALA A 112 8.64 0.90 5.29
CA ALA A 112 8.27 2.11 5.96
C ALA A 112 7.19 1.81 6.98
N ARG A 113 6.25 0.95 6.60
CA ARG A 113 5.21 0.53 7.52
C ARG A 113 5.88 -0.14 8.72
N LEU A 114 7.01 -0.83 8.58
CA LEU A 114 7.63 -1.44 9.73
C LEU A 114 8.30 -0.39 10.58
N ALA A 115 8.87 0.58 9.90
CA ALA A 115 9.53 1.67 10.57
C ALA A 115 8.54 2.34 11.52
N THR A 116 7.32 2.59 11.08
CA THR A 116 6.26 3.19 11.87
C THR A 116 6.06 2.55 13.23
N GLU A 117 6.31 1.23 13.32
CA GLU A 117 6.18 0.50 14.57
C GLU A 117 7.33 0.69 15.53
N PHE A 118 8.47 1.21 15.07
CA PHE A 118 9.59 1.43 15.95
C PHE A 118 10.07 2.87 16.07
N SER A 119 9.52 3.82 15.32
CA SER A 119 9.94 5.19 15.39
C SER A 119 9.34 5.93 16.57
N GLY A 120 8.27 5.37 17.14
CA GLY A 120 7.66 6.01 18.27
C GLY A 120 6.89 7.27 17.89
N ASN A 121 7.34 8.42 18.37
CA ASN A 121 6.66 9.65 18.03
C ASN A 121 7.13 10.17 16.70
N VAL A 122 8.30 9.74 16.23
CA VAL A 122 8.87 10.22 14.98
C VAL A 122 8.02 9.83 13.77
N PRO A 123 7.55 10.78 12.97
CA PRO A 123 6.90 10.50 11.71
C PRO A 123 7.84 9.89 10.70
N VAL A 124 7.26 9.07 9.84
CA VAL A 124 7.98 8.39 8.78
C VAL A 124 7.33 8.80 7.48
N LEU A 125 8.10 9.36 6.56
CA LEU A 125 7.62 9.61 5.22
C LEU A 125 8.22 8.49 4.41
N ASN A 126 7.40 7.85 3.60
CA ASN A 126 7.77 6.75 2.74
C ASN A 126 8.13 7.22 1.33
N ALA A 127 9.42 7.20 1.03
CA ALA A 127 9.88 7.56 -0.28
C ALA A 127 9.77 6.42 -1.27
N GLY A 128 8.98 5.42 -1.00
CA GLY A 128 8.87 4.26 -1.86
C GLY A 128 9.43 3.04 -1.18
N ASP A 129 8.57 2.04 -0.93
CA ASP A 129 8.99 0.76 -0.40
C ASP A 129 9.43 0.02 -1.66
N GLY A 130 8.83 -1.10 -2.06
CA GLY A 130 9.27 -1.73 -3.30
C GLY A 130 8.24 -1.51 -4.38
N SER A 131 7.59 -2.65 -4.63
CA SER A 131 6.53 -2.75 -5.63
C SER A 131 5.22 -2.13 -5.14
N ASN A 132 5.25 -1.58 -3.93
CA ASN A 132 4.05 -1.07 -3.30
C ASN A 132 3.85 0.43 -3.34
N GLN A 133 4.04 1.24 -2.30
CA GLN A 133 3.66 2.66 -2.34
C GLN A 133 4.75 3.68 -2.61
N HIS A 134 4.43 4.81 -3.24
CA HIS A 134 5.35 5.92 -3.35
C HIS A 134 4.44 7.14 -3.33
N PRO A 135 3.72 7.43 -2.24
CA PRO A 135 2.66 8.42 -2.23
C PRO A 135 3.10 9.83 -2.51
N THR A 136 4.37 10.14 -2.27
CA THR A 136 4.90 11.46 -2.58
C THR A 136 4.91 11.80 -4.04
N GLN A 137 5.15 10.80 -4.90
CA GLN A 137 5.06 10.97 -6.34
C GLN A 137 3.61 11.29 -6.70
N THR A 138 2.65 10.45 -6.31
CA THR A 138 1.23 10.68 -6.52
C THR A 138 0.80 12.05 -5.99
N LEU A 139 1.30 12.50 -4.84
CA LEU A 139 0.94 13.81 -4.34
C LEU A 139 1.55 14.93 -5.16
N LEU A 140 2.54 14.67 -6.03
CA LEU A 140 3.00 15.69 -6.94
C LEU A 140 2.38 15.48 -8.32
N ASP A 141 1.71 14.36 -8.58
CA ASP A 141 1.07 14.14 -9.87
C ASP A 141 -0.27 14.83 -9.91
N LEU A 142 -1.01 14.73 -8.80
CA LEU A 142 -2.29 15.37 -8.64
C LEU A 142 -2.09 16.85 -8.49
N PHE A 143 -1.07 17.35 -7.75
CA PHE A 143 -0.81 18.78 -7.66
C PHE A 143 -0.50 19.39 -9.02
N THR A 144 -0.01 18.57 -9.93
CA THR A 144 0.28 19.12 -11.22
C THR A 144 -0.94 18.99 -12.10
N ILE A 145 -1.72 17.89 -12.15
CA ILE A 145 -2.87 17.93 -13.02
C ILE A 145 -3.87 18.98 -12.53
N GLN A 146 -3.78 19.47 -11.29
CA GLN A 146 -4.72 20.45 -10.82
C GLN A 146 -4.17 21.84 -11.00
N GLU A 147 -2.86 22.03 -10.90
CA GLU A 147 -2.32 23.35 -11.13
C GLU A 147 -2.58 23.76 -12.59
N THR A 148 -2.67 22.79 -13.52
CA THR A 148 -2.88 23.06 -14.94
C THR A 148 -4.32 22.94 -15.44
N GLN A 149 -5.09 21.96 -14.98
CA GLN A 149 -6.48 21.81 -15.37
C GLN A 149 -7.41 22.59 -14.46
N GLY A 150 -6.93 23.16 -13.35
CA GLY A 150 -7.76 23.96 -12.47
C GLY A 150 -8.74 23.17 -11.60
N ARG A 151 -8.73 21.83 -11.67
CA ARG A 151 -9.63 20.96 -10.92
C ARG A 151 -9.19 19.50 -10.95
N LEU A 152 -9.57 18.74 -9.96
CA LEU A 152 -9.26 17.31 -9.93
C LEU A 152 -10.53 16.50 -10.22
N ASP A 153 -11.54 17.14 -10.80
CA ASP A 153 -12.74 16.41 -11.15
C ASP A 153 -13.28 16.64 -12.54
N ASN A 154 -14.04 15.63 -12.95
CA ASN A 154 -14.70 15.53 -14.25
C ASN A 154 -13.74 15.98 -15.35
N LEU A 155 -12.77 15.09 -15.48
CA LEU A 155 -11.68 15.24 -16.41
C LEU A 155 -11.56 13.97 -17.21
N HIS A 156 -10.97 14.13 -18.37
CA HIS A 156 -10.63 13.00 -19.22
C HIS A 156 -9.16 12.75 -18.96
N VAL A 157 -8.77 11.57 -18.51
CA VAL A 157 -7.37 11.34 -18.24
C VAL A 157 -6.96 9.97 -18.71
N ALA A 158 -6.11 10.06 -19.72
CA ALA A 158 -5.45 8.94 -20.38
C ALA A 158 -4.32 8.35 -19.57
N MET A 159 -4.00 7.10 -19.78
CA MET A 159 -2.97 6.41 -19.03
C MET A 159 -2.29 5.52 -20.05
N VAL A 160 -1.07 5.87 -20.47
CA VAL A 160 -0.36 5.18 -21.53
C VAL A 160 0.81 4.31 -21.06
N GLY A 161 0.97 3.07 -21.51
CA GLY A 161 2.19 2.35 -21.17
C GLY A 161 2.06 0.97 -20.57
N ASP A 162 2.97 0.72 -19.64
CA ASP A 162 3.01 -0.52 -18.94
C ASP A 162 2.11 -0.23 -17.77
N LEU A 163 0.88 -0.66 -17.92
CA LEU A 163 -0.12 -0.38 -16.94
C LEU A 163 -0.24 -1.52 -15.96
N LYS A 164 0.32 -2.68 -16.23
CA LYS A 164 0.23 -3.82 -15.32
C LYS A 164 1.17 -3.65 -14.10
N PHE A 165 2.45 -3.48 -14.41
CA PHE A 165 3.41 -3.33 -13.36
C PHE A 165 3.64 -1.88 -12.97
N GLY A 166 3.03 -0.94 -13.68
CA GLY A 166 3.21 0.48 -13.47
C GLY A 166 2.49 0.99 -12.24
N ARG A 167 3.21 0.90 -11.15
CA ARG A 167 2.68 1.29 -9.87
C ARG A 167 2.34 2.77 -9.79
N THR A 168 3.04 3.59 -10.54
CA THR A 168 2.80 5.02 -10.56
C THR A 168 1.43 5.33 -11.18
N VAL A 169 0.92 4.51 -12.12
CA VAL A 169 -0.38 4.76 -12.73
C VAL A 169 -1.49 4.03 -12.00
N HIS A 170 -1.10 3.07 -11.17
CA HIS A 170 -2.05 2.36 -10.36
C HIS A 170 -2.63 3.30 -9.36
N SER A 171 -1.69 3.83 -8.62
CA SER A 171 -1.96 4.73 -7.51
C SER A 171 -2.41 6.13 -7.92
N LEU A 172 -2.22 6.57 -9.17
CA LEU A 172 -2.79 7.82 -9.63
C LEU A 172 -4.27 7.59 -9.91
N THR A 173 -4.65 6.39 -10.32
CA THR A 173 -6.04 6.08 -10.55
C THR A 173 -6.81 6.00 -9.24
N GLN A 174 -6.31 5.34 -8.21
CA GLN A 174 -7.00 5.25 -6.93
C GLN A 174 -7.20 6.60 -6.28
N ALA A 175 -6.28 7.53 -6.46
CA ALA A 175 -6.40 8.81 -5.81
C ALA A 175 -7.36 9.65 -6.57
N LEU A 176 -7.38 9.57 -7.90
CA LEU A 176 -8.31 10.31 -8.74
C LEU A 176 -9.72 9.74 -8.67
N ALA A 177 -9.85 8.55 -8.13
CA ALA A 177 -11.13 7.84 -7.97
C ALA A 177 -11.88 8.26 -6.71
N LYS A 178 -11.25 9.13 -5.92
CA LYS A 178 -11.86 9.71 -4.75
C LYS A 178 -12.56 11.01 -5.13
N PHE A 179 -12.47 11.40 -6.41
CA PHE A 179 -13.08 12.60 -6.93
C PHE A 179 -14.17 12.26 -7.94
N ASP A 180 -15.05 13.19 -8.32
CA ASP A 180 -16.16 12.85 -9.20
C ASP A 180 -16.07 13.06 -10.70
N GLY A 181 -16.90 12.29 -11.40
CA GLY A 181 -16.91 12.32 -12.86
C GLY A 181 -15.79 11.46 -13.35
N ASN A 182 -14.74 12.15 -13.77
CA ASN A 182 -13.47 11.58 -14.22
C ASN A 182 -13.49 10.30 -15.03
N ARG A 183 -13.24 10.55 -16.32
CA ARG A 183 -13.15 9.52 -17.32
C ARG A 183 -11.74 8.93 -17.38
N PHE A 184 -11.58 7.67 -17.74
CA PHE A 184 -10.27 7.09 -17.85
C PHE A 184 -10.10 6.34 -19.16
N TYR A 185 -8.96 6.53 -19.79
CA TYR A 185 -8.64 5.86 -21.04
C TYR A 185 -7.34 5.10 -20.83
N PHE A 186 -7.32 3.78 -20.91
CA PHE A 186 -6.07 3.06 -20.73
C PHE A 186 -5.55 2.55 -22.06
N ILE A 187 -4.46 3.12 -22.56
CA ILE A 187 -3.81 2.63 -23.77
C ILE A 187 -2.66 1.74 -23.33
N ALA A 188 -2.67 0.43 -23.64
CA ALA A 188 -1.62 -0.50 -23.22
C ALA A 188 -1.41 -1.67 -24.15
N PRO A 189 -0.21 -2.26 -24.30
CA PRO A 189 0.01 -3.45 -25.08
C PRO A 189 -0.88 -4.53 -24.52
N ASP A 190 -1.40 -5.36 -25.40
CA ASP A 190 -2.32 -6.42 -25.03
C ASP A 190 -1.96 -7.18 -23.75
N ALA A 191 -0.66 -7.38 -23.61
CA ALA A 191 -0.13 -8.18 -22.55
C ALA A 191 0.26 -7.45 -21.28
N LEU A 192 0.48 -6.14 -21.34
CA LEU A 192 0.76 -5.35 -20.15
C LEU A 192 -0.41 -4.47 -19.77
N ALA A 193 -1.65 -4.87 -19.95
CA ALA A 193 -2.74 -3.98 -19.61
C ALA A 193 -3.07 -3.86 -18.13
N MET A 194 -3.80 -2.78 -17.81
CA MET A 194 -4.27 -2.43 -16.47
C MET A 194 -4.80 -3.63 -15.67
N PRO A 195 -4.31 -3.94 -14.47
CA PRO A 195 -4.72 -5.12 -13.73
C PRO A 195 -6.19 -4.96 -13.38
N GLN A 196 -6.92 -6.06 -13.45
CA GLN A 196 -8.35 -5.99 -13.21
C GLN A 196 -8.82 -6.02 -11.76
N TYR A 197 -8.06 -5.49 -10.82
CA TYR A 197 -8.61 -5.30 -9.49
C TYR A 197 -8.89 -3.81 -9.35
N ILE A 198 -8.15 -3.04 -10.15
CA ILE A 198 -8.36 -1.62 -10.23
C ILE A 198 -9.60 -1.44 -11.05
N LEU A 199 -9.75 -2.18 -12.15
CA LEU A 199 -10.92 -2.03 -13.00
C LEU A 199 -12.16 -2.41 -12.24
N ASP A 200 -11.98 -3.33 -11.29
CA ASP A 200 -13.06 -3.77 -10.44
C ASP A 200 -13.47 -2.61 -9.57
N MET A 201 -12.50 -2.03 -8.85
CA MET A 201 -12.71 -0.84 -8.03
C MET A 201 -13.35 0.31 -8.80
N LEU A 202 -12.90 0.54 -10.03
CA LEU A 202 -13.42 1.61 -10.83
C LEU A 202 -14.89 1.44 -11.11
N ASP A 203 -15.36 0.20 -11.18
CA ASP A 203 -16.76 -0.05 -11.49
C ASP A 203 -17.64 0.08 -10.28
N GLU A 204 -17.13 -0.26 -9.10
CA GLU A 204 -17.97 -0.13 -7.94
C GLU A 204 -18.26 1.32 -7.59
N LYS A 205 -17.31 2.26 -7.70
CA LYS A 205 -17.64 3.66 -7.50
C LYS A 205 -18.23 4.29 -8.78
N GLY A 206 -18.49 3.47 -9.81
CA GLY A 206 -19.17 3.86 -11.04
C GLY A 206 -18.44 4.78 -12.00
N ILE A 207 -17.11 4.68 -11.99
CA ILE A 207 -16.25 5.50 -12.79
C ILE A 207 -16.11 5.04 -14.22
N ALA A 208 -16.17 6.02 -15.11
CA ALA A 208 -16.12 5.73 -16.52
C ALA A 208 -14.74 5.48 -17.08
N TRP A 209 -14.61 4.40 -17.85
CA TRP A 209 -13.34 4.05 -18.46
C TRP A 209 -13.52 3.25 -19.74
N SER A 210 -12.51 3.36 -20.60
CA SER A 210 -12.47 2.71 -21.90
C SER A 210 -11.16 1.89 -21.98
N LEU A 211 -10.85 1.31 -23.13
CA LEU A 211 -9.59 0.62 -23.36
C LEU A 211 -9.27 0.95 -24.81
N HIS A 212 -8.06 1.40 -25.11
CA HIS A 212 -7.67 1.73 -26.48
C HIS A 212 -6.37 1.10 -26.95
N SER A 213 -6.20 1.07 -28.26
CA SER A 213 -4.98 0.51 -28.85
C SER A 213 -3.86 1.53 -29.08
N SER A 214 -4.19 2.82 -29.17
CA SER A 214 -3.20 3.83 -29.47
C SER A 214 -3.66 5.19 -28.99
N ILE A 215 -2.71 6.13 -28.88
CA ILE A 215 -3.05 7.51 -28.54
C ILE A 215 -3.72 8.15 -29.77
N GLU A 216 -3.68 7.46 -30.89
CA GLU A 216 -4.38 7.92 -32.07
C GLU A 216 -5.89 8.03 -31.83
N GLU A 217 -6.54 7.12 -31.10
CA GLU A 217 -7.98 7.24 -30.97
C GLU A 217 -8.41 8.04 -29.76
N VAL A 218 -7.49 8.70 -29.08
CA VAL A 218 -7.81 9.26 -27.78
C VAL A 218 -7.61 10.75 -27.71
N MET A 219 -6.71 11.24 -28.56
CA MET A 219 -6.17 12.59 -28.49
C MET A 219 -7.10 13.77 -28.48
N ALA A 220 -8.22 13.80 -29.18
CA ALA A 220 -9.06 15.00 -29.06
C ALA A 220 -9.92 15.06 -27.81
N GLU A 221 -10.15 13.94 -27.13
CA GLU A 221 -10.95 13.91 -25.91
C GLU A 221 -10.20 14.15 -24.60
N VAL A 222 -8.92 13.88 -24.67
CA VAL A 222 -8.03 13.90 -23.53
C VAL A 222 -7.57 15.21 -22.87
N ASP A 223 -7.77 15.32 -21.54
CA ASP A 223 -7.19 16.43 -20.77
C ASP A 223 -5.76 16.09 -20.40
N ILE A 224 -5.51 15.15 -19.48
CA ILE A 224 -4.16 14.69 -19.15
C ILE A 224 -3.76 13.51 -20.04
N LEU A 225 -2.48 13.35 -20.29
CA LEU A 225 -1.99 12.19 -21.00
C LEU A 225 -0.80 11.70 -20.16
N TYR A 226 -1.04 10.86 -19.16
CA TYR A 226 0.02 10.38 -18.30
C TYR A 226 0.78 9.27 -18.99
N MET A 227 1.97 9.58 -19.43
CA MET A 227 2.84 8.67 -20.14
C MET A 227 3.78 7.78 -19.32
N THR A 228 3.94 6.53 -19.69
CA THR A 228 4.92 5.72 -19.02
C THR A 228 5.51 4.60 -19.87
N ARG A 229 6.82 4.42 -19.67
CA ARG A 229 7.64 3.45 -20.36
C ARG A 229 7.19 1.99 -20.51
N VAL A 230 7.34 1.43 -21.71
CA VAL A 230 7.05 0.01 -21.91
C VAL A 230 8.40 -0.71 -22.04
N GLN A 231 8.75 -1.50 -21.02
CA GLN A 231 9.99 -2.25 -20.98
C GLN A 231 10.15 -3.31 -22.06
N LYS A 232 11.30 -3.38 -22.70
CA LYS A 232 11.59 -4.38 -23.72
C LYS A 232 11.38 -5.82 -23.26
N GLU A 233 11.80 -6.17 -22.02
CA GLU A 233 11.70 -7.55 -21.53
C GLU A 233 10.31 -8.07 -21.19
N ARG A 234 9.38 -7.13 -21.06
CA ARG A 234 8.05 -7.49 -20.66
C ARG A 234 7.17 -7.97 -21.79
N LEU A 235 7.62 -7.79 -23.03
CA LEU A 235 6.80 -8.21 -24.14
C LEU A 235 7.24 -9.40 -24.98
N ASP A 236 8.31 -9.36 -25.77
CA ASP A 236 8.77 -10.42 -26.68
C ASP A 236 9.50 -9.65 -27.78
N PRO A 237 10.76 -9.91 -28.17
CA PRO A 237 11.54 -9.09 -29.10
C PRO A 237 10.84 -8.63 -30.36
N SER A 238 9.94 -9.50 -30.83
CA SER A 238 9.15 -9.20 -32.02
C SER A 238 7.85 -8.47 -31.64
N GLU A 239 7.07 -9.03 -30.70
CA GLU A 239 5.85 -8.40 -30.19
C GLU A 239 6.10 -7.00 -29.67
N TYR A 240 7.33 -6.73 -29.26
CA TYR A 240 7.72 -5.42 -28.81
C TYR A 240 7.71 -4.48 -29.98
N ALA A 241 8.37 -4.82 -31.08
CA ALA A 241 8.47 -3.88 -32.17
C ALA A 241 7.23 -3.63 -32.99
N ASN A 242 6.34 -4.62 -33.06
CA ASN A 242 5.13 -4.49 -33.85
C ASN A 242 4.29 -3.45 -33.17
N VAL A 243 4.00 -3.66 -31.89
CA VAL A 243 3.20 -2.71 -31.15
C VAL A 243 3.94 -1.45 -30.66
N LYS A 244 5.27 -1.46 -30.49
CA LYS A 244 6.04 -0.36 -29.91
C LYS A 244 5.61 1.04 -30.25
N ALA A 245 5.61 1.35 -31.53
CA ALA A 245 5.35 2.69 -32.00
C ALA A 245 3.97 3.27 -31.71
N GLN A 246 3.00 2.47 -31.26
CA GLN A 246 1.72 3.08 -30.95
C GLN A 246 1.81 3.80 -29.61
N PHE A 247 2.80 3.40 -28.80
CA PHE A 247 3.00 3.97 -27.48
C PHE A 247 4.04 5.07 -27.46
N VAL A 248 4.67 5.42 -28.58
CA VAL A 248 5.58 6.55 -28.62
C VAL A 248 4.77 7.79 -28.91
N LEU A 249 5.19 8.91 -28.34
CA LEU A 249 4.49 10.15 -28.57
C LEU A 249 5.44 11.16 -29.18
N ARG A 250 5.42 11.32 -30.48
CA ARG A 250 6.15 12.44 -31.01
C ARG A 250 5.16 13.58 -31.06
N ALA A 251 5.59 14.80 -31.36
CA ALA A 251 4.71 15.94 -31.43
C ALA A 251 3.78 15.95 -32.61
N SER A 252 4.01 15.09 -33.59
CA SER A 252 3.15 14.93 -34.75
C SER A 252 1.71 14.70 -34.28
N ASP A 253 1.58 13.83 -33.27
CA ASP A 253 0.30 13.47 -32.71
C ASP A 253 -0.37 14.59 -31.94
N LEU A 254 0.37 15.61 -31.51
CA LEU A 254 -0.25 16.66 -30.74
C LEU A 254 -1.09 17.61 -31.61
N HIS A 255 -1.61 17.13 -32.74
CA HIS A 255 -2.38 18.00 -33.61
C HIS A 255 -3.80 18.24 -33.14
N ASN A 256 -4.61 17.22 -32.86
CA ASN A 256 -5.99 17.46 -32.43
C ASN A 256 -6.13 17.98 -31.02
N ALA A 257 -5.08 17.76 -30.22
CA ALA A 257 -5.10 18.08 -28.80
C ALA A 257 -5.66 19.42 -28.35
N LYS A 258 -6.46 19.35 -27.31
CA LYS A 258 -7.12 20.52 -26.75
C LYS A 258 -6.06 21.50 -26.28
N ALA A 259 -6.45 22.73 -26.03
CA ALA A 259 -5.50 23.70 -25.54
C ALA A 259 -4.99 23.44 -24.12
N ASN A 260 -5.86 22.95 -23.24
CA ASN A 260 -5.54 22.68 -21.84
C ASN A 260 -4.58 21.53 -21.64
N MET A 261 -4.84 20.53 -22.46
CA MET A 261 -4.18 19.23 -22.47
C MET A 261 -2.71 19.24 -22.10
N LYS A 262 -2.34 18.40 -21.14
CA LYS A 262 -0.98 18.31 -20.68
C LYS A 262 -0.43 16.90 -20.75
N VAL A 263 0.78 16.84 -21.27
CA VAL A 263 1.50 15.60 -21.37
C VAL A 263 2.40 15.51 -20.15
N LEU A 264 2.08 14.62 -19.21
CA LEU A 264 2.86 14.40 -18.00
C LEU A 264 3.59 13.07 -18.08
N HIS A 265 4.79 12.97 -17.52
CA HIS A 265 5.54 11.72 -17.46
C HIS A 265 6.29 11.61 -16.13
N PRO A 266 6.17 10.52 -15.33
CA PRO A 266 6.87 10.32 -14.06
C PRO A 266 8.39 10.40 -14.07
N LEU A 267 8.96 10.20 -15.28
CA LEU A 267 10.37 10.16 -15.59
C LEU A 267 11.12 8.99 -14.92
N PRO A 268 12.29 8.53 -15.40
CA PRO A 268 13.01 9.02 -16.57
C PRO A 268 12.40 8.49 -17.82
N ARG A 269 12.26 9.35 -18.83
CA ARG A 269 11.89 8.79 -20.10
C ARG A 269 13.16 8.29 -20.77
N VAL A 270 12.98 7.69 -21.93
CA VAL A 270 14.06 7.20 -22.75
C VAL A 270 13.68 7.62 -24.17
N ASP A 271 12.59 7.08 -24.72
CA ASP A 271 12.27 7.39 -26.10
C ASP A 271 10.81 7.40 -26.45
N GLU A 272 9.96 7.06 -25.49
CA GLU A 272 8.54 7.06 -25.74
C GLU A 272 7.93 8.45 -25.78
N ILE A 273 8.69 9.51 -25.50
CA ILE A 273 8.26 10.86 -25.75
C ILE A 273 9.47 11.44 -26.45
N ALA A 274 9.21 12.02 -27.61
CA ALA A 274 10.24 12.61 -28.44
C ALA A 274 10.53 14.09 -28.21
N THR A 275 11.76 14.52 -28.43
CA THR A 275 12.28 15.87 -28.24
C THR A 275 11.51 17.01 -28.94
N ASP A 276 10.73 16.74 -29.99
CA ASP A 276 9.93 17.77 -30.61
C ASP A 276 8.63 18.04 -29.85
N VAL A 277 8.30 17.21 -28.84
CA VAL A 277 7.18 17.41 -27.92
C VAL A 277 7.61 18.45 -26.87
N ASP A 278 8.89 18.45 -26.45
CA ASP A 278 9.42 19.36 -25.43
C ASP A 278 9.19 20.83 -25.75
N LYS A 279 9.17 21.19 -27.03
CA LYS A 279 8.94 22.57 -27.49
C LYS A 279 7.47 23.00 -27.48
N THR A 280 6.63 22.01 -27.82
CA THR A 280 5.21 22.16 -27.85
C THR A 280 4.70 22.57 -26.46
N PRO A 281 3.67 23.38 -26.33
CA PRO A 281 3.17 23.83 -25.04
C PRO A 281 2.43 22.78 -24.24
N HIS A 282 2.14 21.63 -24.82
CA HIS A 282 1.50 20.58 -24.06
C HIS A 282 2.51 19.76 -23.26
N ALA A 283 3.83 19.92 -23.40
CA ALA A 283 4.81 19.15 -22.66
C ALA A 283 4.93 19.64 -21.23
N TRP A 284 4.52 18.91 -20.19
CA TRP A 284 4.64 19.44 -18.85
C TRP A 284 5.35 18.52 -17.88
N TYR A 285 6.21 17.59 -18.33
CA TYR A 285 6.91 16.69 -17.41
C TYR A 285 8.04 17.28 -16.64
N PHE A 286 8.67 18.26 -17.24
CA PHE A 286 9.73 18.92 -16.52
C PHE A 286 9.12 19.80 -15.46
N GLN A 287 7.98 20.41 -15.70
CA GLN A 287 7.39 21.19 -14.65
C GLN A 287 6.77 20.26 -13.63
N GLN A 288 6.21 19.12 -14.04
CA GLN A 288 5.67 18.13 -13.10
C GLN A 288 6.74 17.76 -12.09
N ALA A 289 7.95 17.48 -12.57
CA ALA A 289 9.04 17.20 -11.68
C ALA A 289 9.38 18.38 -10.77
N GLY A 290 9.26 19.64 -11.18
CA GLY A 290 9.63 20.75 -10.34
C GLY A 290 8.71 21.01 -9.15
N ASN A 291 7.46 20.63 -9.37
CA ASN A 291 6.41 20.79 -8.39
C ASN A 291 6.48 19.76 -7.29
N GLY A 292 7.22 18.70 -7.52
CA GLY A 292 7.46 17.67 -6.53
C GLY A 292 8.05 18.24 -5.26
N ILE A 293 8.77 19.35 -5.42
CA ILE A 293 9.33 20.14 -4.35
C ILE A 293 8.20 20.65 -3.47
N PHE A 294 7.17 21.19 -4.12
CA PHE A 294 6.06 21.80 -3.41
C PHE A 294 5.16 20.84 -2.70
N ALA A 295 4.93 19.68 -3.29
CA ALA A 295 4.14 18.64 -2.67
C ALA A 295 4.84 17.97 -1.53
N ARG A 296 6.16 17.78 -1.61
CA ARG A 296 6.94 17.14 -0.56
C ARG A 296 7.22 18.10 0.57
N GLN A 297 7.27 19.40 0.31
CA GLN A 297 7.42 20.41 1.34
C GLN A 297 6.25 20.39 2.29
N ALA A 298 5.07 20.32 1.68
CA ALA A 298 3.78 20.30 2.34
C ALA A 298 3.65 19.16 3.31
N LEU A 299 4.02 17.95 2.92
CA LEU A 299 3.99 16.88 3.87
C LEU A 299 4.94 17.21 5.01
N LEU A 300 6.14 17.73 4.74
CA LEU A 300 7.09 17.96 5.81
C LEU A 300 6.58 19.00 6.76
N ALA A 301 5.90 20.01 6.26
CA ALA A 301 5.41 21.04 7.14
C ALA A 301 4.20 20.57 7.95
N LEU A 302 3.20 19.91 7.35
CA LEU A 302 2.03 19.42 8.08
C LEU A 302 2.39 18.42 9.15
N VAL A 303 3.26 17.49 8.83
CA VAL A 303 3.76 16.44 9.71
C VAL A 303 4.58 16.93 10.89
N LEU A 304 5.37 17.97 10.70
CA LEU A 304 6.15 18.50 11.79
C LEU A 304 5.60 19.78 12.40
N ASN A 305 4.35 20.17 12.10
CA ASN A 305 3.75 21.35 12.65
C ASN A 305 2.36 21.13 13.17
N ARG A 306 1.97 21.78 14.27
CA ARG A 306 0.57 21.71 14.65
C ARG A 306 -0.06 22.95 14.06
N ASP A 307 0.48 24.08 14.51
CA ASP A 307 -0.05 25.38 14.16
C ASP A 307 0.58 25.72 12.82
N LEU A 308 -0.04 25.33 11.70
CA LEU A 308 0.55 25.74 10.43
C LEU A 308 -0.08 27.09 10.09
N VAL A 309 0.83 28.07 10.10
CA VAL A 309 0.54 29.50 9.98
C VAL A 309 0.62 30.16 8.60
N LEU A 310 0.14 29.47 7.56
CA LEU A 310 0.21 29.96 6.18
C LEU A 310 -1.12 29.89 5.44
N GLN B 1 -18.40 -35.42 22.99
CA GLN B 1 -19.11 -35.88 24.16
C GLN B 1 -18.28 -36.77 25.08
N VAL B 2 -17.19 -37.35 24.54
CA VAL B 2 -16.26 -38.18 25.30
C VAL B 2 -15.68 -37.55 26.57
N GLU B 3 -15.31 -38.49 27.43
CA GLU B 3 -14.79 -38.24 28.76
C GLU B 3 -13.84 -37.05 28.89
N ALA B 4 -14.35 -36.16 29.76
CA ALA B 4 -13.72 -34.87 29.99
C ALA B 4 -14.28 -34.27 31.26
N ILE B 5 -13.36 -33.49 31.84
CA ILE B 5 -13.59 -32.73 33.05
C ILE B 5 -14.67 -31.64 32.97
N LYS B 6 -15.38 -31.61 34.11
CA LYS B 6 -16.32 -30.54 34.32
C LYS B 6 -15.44 -29.30 34.47
N ARG B 7 -15.97 -28.26 33.83
CA ARG B 7 -15.41 -26.92 33.79
C ARG B 7 -14.06 -26.77 33.05
N GLY B 8 -14.19 -25.84 32.08
CA GLY B 8 -13.16 -25.39 31.16
C GLY B 8 -13.80 -24.76 29.92
N THR B 9 -13.08 -24.63 28.80
CA THR B 9 -13.74 -24.18 27.57
C THR B 9 -13.78 -25.40 26.67
N VAL B 10 -14.97 -25.83 26.23
CA VAL B 10 -15.00 -26.97 25.33
C VAL B 10 -14.91 -26.50 23.89
N ILE B 11 -13.97 -27.06 23.16
CA ILE B 11 -13.91 -26.78 21.73
C ILE B 11 -14.34 -28.05 21.02
N ASP B 12 -15.26 -27.89 20.08
CA ASP B 12 -15.83 -29.04 19.42
C ASP B 12 -15.96 -29.02 17.91
N HIS B 13 -16.24 -30.23 17.40
CA HIS B 13 -16.51 -30.53 16.01
C HIS B 13 -15.50 -30.13 14.94
N ILE B 14 -14.24 -29.82 15.25
CA ILE B 14 -13.25 -29.52 14.22
C ILE B 14 -13.23 -30.44 12.97
N PRO B 15 -13.17 -29.84 11.77
CA PRO B 15 -13.16 -30.55 10.50
C PRO B 15 -11.98 -31.45 10.23
N ALA B 16 -12.14 -32.11 9.07
CA ALA B 16 -11.24 -33.15 8.59
C ALA B 16 -9.74 -32.85 8.66
N GLN B 17 -9.14 -33.51 9.65
CA GLN B 17 -7.69 -33.44 9.93
C GLN B 17 -7.12 -32.06 10.24
N ILE B 18 -7.92 -31.18 10.90
CA ILE B 18 -7.44 -29.89 11.42
C ILE B 18 -7.10 -30.23 12.88
N GLY B 19 -7.48 -29.45 13.91
CA GLY B 19 -7.36 -29.88 15.30
C GLY B 19 -5.98 -29.98 15.90
N PHE B 20 -5.04 -30.70 15.28
CA PHE B 20 -3.67 -30.69 15.73
C PHE B 20 -3.17 -29.32 15.32
N LYS B 21 -3.40 -28.95 14.06
CA LYS B 21 -3.09 -27.62 13.52
C LYS B 21 -3.59 -26.44 14.38
N LEU B 22 -4.84 -26.52 14.84
CA LEU B 22 -5.36 -25.46 15.69
C LEU B 22 -4.64 -25.39 17.02
N LEU B 23 -4.29 -26.52 17.58
CA LEU B 23 -3.46 -26.53 18.75
C LEU B 23 -2.07 -26.01 18.39
N SER B 24 -1.65 -26.09 17.12
CA SER B 24 -0.37 -25.55 16.74
C SER B 24 -0.38 -24.06 16.55
N LEU B 25 -1.33 -23.48 15.82
CA LEU B 25 -1.28 -22.05 15.55
C LEU B 25 -1.70 -21.09 16.63
N PHE B 26 -2.72 -21.43 17.39
CA PHE B 26 -3.17 -20.51 18.42
C PHE B 26 -2.47 -20.63 19.76
N LYS B 27 -1.53 -21.59 19.81
CA LYS B 27 -0.70 -21.96 20.96
C LYS B 27 -1.54 -22.24 22.21
N LEU B 28 -2.27 -23.36 22.15
CA LEU B 28 -3.17 -23.67 23.25
C LEU B 28 -2.58 -24.55 24.37
N THR B 29 -1.35 -25.03 24.15
CA THR B 29 -0.63 -25.89 25.07
C THR B 29 0.27 -25.14 26.08
N GLU B 30 0.70 -23.92 25.72
CA GLU B 30 1.52 -23.03 26.55
C GLU B 30 0.83 -22.79 27.90
N THR B 31 -0.46 -22.43 27.82
CA THR B 31 -1.27 -22.23 29.02
C THR B 31 -1.91 -23.55 29.47
N ASP B 32 -1.14 -24.15 30.37
CA ASP B 32 -1.44 -25.43 31.00
C ASP B 32 -2.65 -25.46 31.97
N GLN B 33 -3.00 -26.72 32.12
CA GLN B 33 -4.08 -27.33 32.86
C GLN B 33 -4.50 -28.50 31.93
N ARG B 34 -5.36 -29.40 32.43
CA ARG B 34 -5.81 -30.58 31.68
C ARG B 34 -6.33 -30.29 30.26
N ILE B 35 -5.58 -30.76 29.26
CA ILE B 35 -5.96 -30.53 27.87
C ILE B 35 -6.49 -31.84 27.28
N THR B 36 -7.78 -32.07 27.55
CA THR B 36 -8.53 -33.20 27.03
C THR B 36 -8.53 -33.04 25.51
N ILE B 37 -7.57 -33.64 24.80
CA ILE B 37 -7.61 -33.56 23.35
C ILE B 37 -8.33 -34.80 22.87
N GLY B 38 -9.43 -34.56 22.17
CA GLY B 38 -10.25 -35.67 21.68
C GLY B 38 -9.56 -36.33 20.50
N LEU B 39 -9.83 -35.70 19.35
CA LEU B 39 -9.27 -36.06 18.05
C LEU B 39 -9.63 -37.42 17.45
N ASN B 40 -9.76 -37.33 16.11
CA ASN B 40 -10.07 -38.44 15.21
C ASN B 40 -11.18 -39.42 15.59
N LEU B 41 -12.25 -38.82 16.12
CA LEU B 41 -13.46 -39.56 16.47
C LEU B 41 -14.62 -39.27 15.52
N PRO B 42 -15.75 -39.96 15.69
CA PRO B 42 -17.07 -39.47 15.31
C PRO B 42 -17.73 -38.60 16.35
N SER B 43 -18.30 -37.49 15.85
CA SER B 43 -18.97 -36.45 16.65
C SER B 43 -20.25 -35.82 16.02
N GLY B 44 -20.72 -34.70 16.62
CA GLY B 44 -21.94 -33.99 16.18
C GLY B 44 -21.97 -33.36 14.78
N GLU B 45 -23.13 -33.63 14.12
CA GLU B 45 -23.46 -33.21 12.75
C GLU B 45 -22.43 -33.67 11.69
N MET B 46 -21.73 -34.75 12.07
CA MET B 46 -20.62 -35.27 11.28
C MET B 46 -20.56 -36.80 11.29
N GLY B 47 -20.07 -37.36 12.39
CA GLY B 47 -19.85 -38.79 12.50
C GLY B 47 -18.51 -39.17 11.88
N ARG B 48 -17.47 -38.33 12.09
CA ARG B 48 -16.07 -38.50 11.63
C ARG B 48 -15.19 -37.24 11.80
N LYS B 49 -15.65 -36.30 12.62
CA LYS B 49 -14.90 -35.09 12.92
C LYS B 49 -14.24 -34.95 14.30
N ASP B 50 -13.05 -34.31 14.28
CA ASP B 50 -12.14 -33.96 15.39
C ASP B 50 -12.77 -33.03 16.43
N LEU B 51 -12.23 -32.93 17.66
CA LEU B 51 -12.75 -32.03 18.70
C LEU B 51 -11.91 -32.09 19.98
N ILE B 52 -11.96 -31.11 20.91
CA ILE B 52 -11.14 -31.14 22.14
C ILE B 52 -11.41 -30.09 23.22
N LYS B 53 -11.59 -30.51 24.47
CA LYS B 53 -11.81 -29.58 25.55
C LYS B 53 -10.54 -29.22 26.34
N ILE B 54 -10.59 -28.21 27.20
CA ILE B 54 -9.46 -27.78 28.01
C ILE B 54 -10.01 -27.49 29.44
N GLU B 55 -9.22 -27.26 30.49
CA GLU B 55 -9.79 -26.85 31.77
C GLU B 55 -9.34 -25.42 32.12
N ASN B 56 -10.08 -24.69 32.97
CA ASN B 56 -9.67 -23.37 33.46
C ASN B 56 -9.52 -22.22 32.47
N THR B 57 -9.49 -22.45 31.15
CA THR B 57 -9.34 -21.33 30.22
C THR B 57 -10.70 -20.66 29.98
N PHE B 58 -10.76 -19.64 29.11
CA PHE B 58 -12.00 -19.00 28.74
C PHE B 58 -11.65 -18.05 27.58
N LEU B 59 -11.60 -18.64 26.38
CA LEU B 59 -11.40 -17.88 25.16
C LEU B 59 -12.50 -16.83 24.98
N SER B 60 -12.00 -15.68 24.58
CA SER B 60 -12.80 -14.53 24.22
C SER B 60 -13.60 -14.77 22.92
N GLU B 61 -14.56 -13.88 22.70
CA GLU B 61 -15.37 -13.83 21.50
C GLU B 61 -14.53 -13.57 20.25
N ASP B 62 -13.49 -12.72 20.36
CA ASP B 62 -12.54 -12.48 19.27
C ASP B 62 -11.60 -13.68 19.21
N GLN B 63 -11.27 -14.30 20.37
CA GLN B 63 -10.44 -15.49 20.38
C GLN B 63 -11.06 -16.64 19.62
N VAL B 64 -12.39 -16.71 19.65
CA VAL B 64 -13.07 -17.76 18.92
C VAL B 64 -13.31 -17.40 17.47
N ASP B 65 -13.48 -16.14 17.08
CA ASP B 65 -13.66 -15.84 15.67
C ASP B 65 -12.36 -16.05 14.91
N GLN B 66 -11.26 -16.33 15.62
CA GLN B 66 -10.02 -16.62 14.95
C GLN B 66 -10.08 -17.95 14.22
N LEU B 67 -10.80 -18.92 14.80
CA LEU B 67 -10.98 -20.21 14.17
C LEU B 67 -11.61 -20.19 12.80
N ALA B 68 -12.49 -19.19 12.63
CA ALA B 68 -13.32 -19.00 11.46
C ALA B 68 -12.83 -19.46 10.10
N LEU B 69 -11.63 -19.08 9.67
CA LEU B 69 -11.17 -19.52 8.38
C LEU B 69 -10.52 -20.90 8.39
N TYR B 70 -10.72 -21.64 9.47
CA TYR B 70 -10.17 -22.98 9.59
C TYR B 70 -11.25 -24.04 9.78
N ALA B 71 -12.33 -23.67 10.48
CA ALA B 71 -13.43 -24.60 10.75
C ALA B 71 -14.80 -24.31 10.15
N PRO B 72 -15.21 -23.12 9.71
CA PRO B 72 -16.18 -22.23 10.39
C PRO B 72 -17.01 -22.84 11.52
N GLN B 73 -17.97 -23.66 11.08
CA GLN B 73 -18.79 -24.44 12.00
C GLN B 73 -17.95 -25.32 12.92
N ALA B 74 -18.07 -24.95 14.19
CA ALA B 74 -17.39 -25.65 15.26
C ALA B 74 -17.93 -25.08 16.57
N THR B 75 -18.58 -25.92 17.36
CA THR B 75 -19.06 -25.43 18.66
C THR B 75 -17.91 -25.03 19.55
N VAL B 76 -18.12 -24.08 20.45
CA VAL B 76 -17.16 -23.82 21.52
C VAL B 76 -18.17 -23.44 22.60
N ASN B 77 -18.66 -24.49 23.24
CA ASN B 77 -19.72 -24.35 24.23
C ASN B 77 -19.23 -24.37 25.68
N ARG B 78 -19.09 -23.24 26.42
CA ARG B 78 -18.57 -23.31 27.79
C ARG B 78 -19.34 -24.14 28.82
N ILE B 79 -18.52 -24.86 29.60
CA ILE B 79 -18.96 -25.66 30.73
C ILE B 79 -18.61 -24.77 31.94
N ASP B 80 -19.41 -23.69 32.04
CA ASP B 80 -19.27 -22.67 33.09
C ASP B 80 -19.83 -23.10 34.43
N ASN B 81 -19.44 -22.35 35.48
CA ASN B 81 -19.82 -22.65 36.86
C ASN B 81 -19.57 -24.15 37.09
N TYR B 82 -20.60 -25.02 36.99
CA TYR B 82 -20.42 -26.46 37.00
C TYR B 82 -20.64 -27.15 35.65
N GLU B 83 -21.60 -26.68 34.83
CA GLU B 83 -21.88 -27.33 33.54
C GLU B 83 -22.43 -26.46 32.39
N VAL B 84 -22.16 -26.96 31.15
CA VAL B 84 -22.45 -26.38 29.83
C VAL B 84 -23.49 -25.28 29.65
N VAL B 85 -23.02 -24.13 30.14
CA VAL B 85 -23.79 -22.91 30.21
C VAL B 85 -23.47 -21.80 29.22
N GLY B 86 -23.14 -22.03 27.95
CA GLY B 86 -22.91 -20.88 27.07
C GLY B 86 -22.36 -21.21 25.70
N LYS B 87 -23.31 -21.38 24.76
CA LYS B 87 -22.94 -21.85 23.41
C LYS B 87 -22.25 -20.83 22.51
N SER B 88 -21.45 -21.31 21.53
CA SER B 88 -20.85 -20.41 20.52
C SER B 88 -20.49 -21.09 19.19
N ARG B 89 -20.10 -20.27 18.21
CA ARG B 89 -19.73 -20.73 16.86
C ARG B 89 -19.15 -19.53 16.10
N PRO B 90 -17.91 -19.62 15.58
CA PRO B 90 -17.23 -18.54 14.87
C PRO B 90 -17.85 -18.16 13.53
N SER B 91 -17.73 -16.89 13.04
CA SER B 91 -18.26 -16.41 11.73
C SER B 91 -17.05 -16.06 10.82
N LEU B 92 -16.58 -14.81 10.61
CA LEU B 92 -15.24 -14.55 10.05
C LEU B 92 -14.77 -13.19 10.55
N PRO B 93 -13.57 -13.01 11.08
CA PRO B 93 -13.23 -11.81 11.84
C PRO B 93 -12.95 -10.63 10.90
N GLU B 94 -12.48 -9.53 11.48
CA GLU B 94 -12.14 -8.37 10.69
C GLU B 94 -10.63 -8.22 10.44
N ARG B 95 -9.81 -9.02 11.12
CA ARG B 95 -8.34 -8.95 11.08
C ARG B 95 -7.64 -10.19 11.67
N ILE B 96 -7.01 -11.10 10.90
CA ILE B 96 -6.34 -12.25 11.48
C ILE B 96 -4.89 -11.93 11.79
N ASP B 97 -4.61 -11.81 13.07
CA ASP B 97 -3.27 -11.57 13.52
C ASP B 97 -2.48 -12.82 13.73
N ASN B 98 -1.15 -12.66 13.69
CA ASN B 98 -0.14 -13.73 13.70
C ASN B 98 -0.53 -14.91 12.81
N VAL B 99 -0.12 -16.14 13.10
CA VAL B 99 -0.54 -17.33 12.38
C VAL B 99 -0.20 -17.45 10.89
N LEU B 100 -0.78 -16.69 9.96
CA LEU B 100 -0.56 -16.86 8.54
C LEU B 100 0.64 -16.13 7.95
N VAL B 101 1.20 -16.62 6.85
CA VAL B 101 2.38 -16.01 6.26
C VAL B 101 2.05 -15.40 4.90
N CYS B 102 2.56 -14.20 4.69
CA CYS B 102 2.44 -13.49 3.42
C CYS B 102 3.10 -14.31 2.29
N PRO B 103 2.42 -14.59 1.17
CA PRO B 103 2.98 -15.29 0.03
C PRO B 103 3.88 -14.42 -0.81
N ASN B 104 3.99 -13.13 -0.53
CA ASN B 104 4.87 -12.27 -1.30
C ASN B 104 6.23 -12.56 -0.72
N SER B 105 7.14 -13.03 -1.57
CA SER B 105 8.48 -13.35 -1.11
C SER B 105 9.28 -12.14 -0.66
N ASN B 106 8.99 -10.99 -1.25
CA ASN B 106 9.72 -9.78 -0.97
C ASN B 106 9.09 -8.93 0.13
N CYS B 107 8.20 -9.49 0.94
CA CYS B 107 7.62 -8.75 2.06
C CYS B 107 8.68 -8.58 3.15
N ILE B 108 8.69 -7.48 3.93
CA ILE B 108 9.63 -7.35 5.03
C ILE B 108 9.30 -8.27 6.22
N SER B 109 8.10 -8.81 6.27
CA SER B 109 7.67 -9.70 7.34
C SER B 109 8.34 -11.07 7.37
N HIS B 110 9.14 -11.41 6.38
CA HIS B 110 9.84 -12.67 6.44
C HIS B 110 11.18 -12.43 7.14
N ALA B 111 11.64 -11.18 7.05
CA ALA B 111 12.89 -10.80 7.66
C ALA B 111 12.73 -10.23 9.06
N GLU B 112 11.51 -9.96 9.55
CA GLU B 112 11.47 -9.27 10.81
C GLU B 112 10.74 -9.80 12.02
N PRO B 113 11.18 -9.34 13.21
CA PRO B 113 10.37 -9.14 14.40
C PRO B 113 9.10 -8.28 14.32
N VAL B 114 8.20 -8.70 13.44
CA VAL B 114 6.89 -8.08 13.29
C VAL B 114 5.83 -9.15 13.22
N SER B 115 4.73 -8.76 13.81
CA SER B 115 3.59 -9.65 13.81
C SER B 115 2.88 -9.57 12.48
N SER B 116 2.67 -10.74 11.92
CA SER B 116 1.98 -10.95 10.66
C SER B 116 0.52 -10.52 10.81
N SER B 117 -0.10 -9.75 9.92
CA SER B 117 -1.47 -9.29 10.13
C SER B 117 -2.11 -9.11 8.77
N PHE B 118 -3.20 -9.82 8.49
CA PHE B 118 -3.97 -9.73 7.24
C PHE B 118 -5.37 -9.19 7.44
N ALA B 119 -5.85 -8.11 6.78
CA ALA B 119 -7.23 -7.69 6.90
C ALA B 119 -8.11 -8.60 6.07
N VAL B 120 -9.16 -9.12 6.70
CA VAL B 120 -10.08 -10.06 6.09
C VAL B 120 -11.16 -9.35 5.27
N ARG B 121 -11.59 -10.02 4.22
CA ARG B 121 -12.61 -9.52 3.32
C ARG B 121 -13.28 -10.69 2.61
N LYS B 122 -14.42 -10.34 2.00
CA LYS B 122 -15.38 -11.21 1.34
C LYS B 122 -15.86 -12.19 2.38
N ARG B 123 -17.09 -11.89 2.80
CA ARG B 123 -17.74 -12.78 3.75
C ARG B 123 -17.82 -14.26 3.32
N ALA B 124 -17.63 -14.60 2.01
CA ALA B 124 -17.81 -15.98 1.50
C ALA B 124 -17.18 -16.49 0.18
N ASN B 125 -17.70 -15.86 -0.90
CA ASN B 125 -17.43 -16.12 -2.31
C ASN B 125 -16.00 -16.48 -2.74
N ASP B 126 -15.03 -15.89 -2.03
CA ASP B 126 -13.61 -16.13 -2.18
C ASP B 126 -13.01 -15.09 -1.25
N ILE B 127 -12.95 -15.50 0.02
CA ILE B 127 -12.44 -14.67 1.12
C ILE B 127 -11.05 -14.11 0.78
N ALA B 128 -10.91 -12.82 0.55
CA ALA B 128 -9.61 -12.24 0.24
C ALA B 128 -8.90 -11.75 1.51
N LEU B 129 -7.57 -11.82 1.57
CA LEU B 129 -6.80 -11.44 2.75
C LEU B 129 -5.60 -10.51 2.47
N LYS B 130 -5.74 -9.18 2.41
CA LYS B 130 -4.62 -8.26 2.16
C LYS B 130 -3.60 -8.11 3.28
N CYS B 131 -2.28 -8.08 3.02
CA CYS B 131 -1.24 -7.86 4.01
C CYS B 131 -1.25 -6.47 4.61
N LYS B 132 -0.88 -6.33 5.89
CA LYS B 132 -0.81 -5.06 6.57
C LYS B 132 0.34 -4.23 6.03
N TYR B 133 1.45 -4.93 5.90
CA TYR B 133 2.73 -4.44 5.41
C TYR B 133 2.91 -4.21 3.91
N CYS B 134 2.66 -5.13 3.00
CA CYS B 134 2.88 -4.93 1.60
C CYS B 134 1.63 -4.67 0.79
N GLU B 135 0.49 -4.59 1.47
CA GLU B 135 -0.76 -4.26 0.86
C GLU B 135 -1.14 -5.08 -0.37
N LYS B 136 -0.81 -6.36 -0.39
CA LYS B 136 -1.21 -7.24 -1.48
C LYS B 136 -2.36 -8.14 -0.99
N GLU B 137 -3.44 -8.21 -1.78
CA GLU B 137 -4.67 -8.96 -1.50
C GLU B 137 -4.59 -10.33 -2.17
N PHE B 138 -4.28 -11.43 -1.49
CA PHE B 138 -4.22 -12.77 -2.11
C PHE B 138 -5.47 -13.60 -1.79
N SER B 139 -5.73 -14.73 -2.46
CA SER B 139 -6.86 -15.54 -2.03
C SER B 139 -6.49 -16.24 -0.74
N HIS B 140 -7.53 -16.61 0.01
CA HIS B 140 -7.31 -17.24 1.28
C HIS B 140 -6.79 -18.63 1.13
N ASN B 141 -7.12 -19.31 0.03
CA ASN B 141 -6.65 -20.67 -0.21
C ASN B 141 -5.15 -20.68 -0.46
N VAL B 142 -4.69 -19.56 -1.00
CA VAL B 142 -3.29 -19.32 -1.29
C VAL B 142 -2.48 -19.04 -0.06
N VAL B 143 -2.98 -18.22 0.87
CA VAL B 143 -2.25 -18.01 2.10
C VAL B 143 -2.40 -19.25 2.97
N LEU B 144 -3.51 -19.98 2.84
CA LEU B 144 -3.73 -21.12 3.69
C LEU B 144 -2.90 -22.35 3.39
N ALA B 145 -2.02 -22.33 2.37
CA ALA B 145 -1.10 -23.47 2.23
C ALA B 145 -0.07 -23.42 3.36
N ASN B 146 0.39 -22.15 3.46
CA ASN B 146 1.44 -21.59 4.30
C ASN B 146 2.79 -22.07 3.74
ZN ZN C . 3.17 -8.84 2.93
#